data_3RUU
#
_entry.id   3RUU
#
_cell.length_a   159.605
_cell.length_b   159.605
_cell.length_c   159.605
_cell.angle_alpha   90.000
_cell.angle_beta   90.000
_cell.angle_gamma   90.000
#
_symmetry.space_group_name_H-M   'F 2 3'
#
loop_
_entity.id
_entity.type
_entity.pdbx_description
1 polymer 'Bile acid receptor'
2 polymer 'Nuclear receptor coactivator 1'
3 non-polymer 'SULFATE ION'
4 non-polymer '6-(4-{[3-(2,6-dichlorophenyl)-5-(propan-2-yl)-1,2-oxazol-4-yl]methoxy}phenyl)-1H-indole-3-carboxylic acid'
5 water water
#
loop_
_entity_poly.entity_id
_entity_poly.type
_entity_poly.pdbx_seq_one_letter_code
_entity_poly.pdbx_strand_id
1 'polypeptide(L)'
;ELTPDQQTLLHFIMDSYNKQRMPQEITNKILKEEFSAEENFLILTEMATNHVQVLVEFTKKLPGFQTLDHEDQIALLKGS
AVEAMFLRSAEIFNKKLPSGHSDLLEERIRNSGISDEYITPMFSFYKSIGELKMTQEEYALLTAIVILSPDRQYIKDREA
VEKLQEPLLDVLQKLCKIHQPENPQHFACLLGRLTELRTFNHHHAEMLMSWRVNDHKFTPLLCEIWDVQ
;
A
2 'polypeptide(L)' DHQLLRYLLDK B
#
# COMPACT_ATOMS: atom_id res chain seq x y z
N GLU A 1 23.35 -13.65 6.95
CA GLU A 1 22.98 -12.31 7.39
C GLU A 1 23.55 -11.24 6.45
N LEU A 2 22.70 -10.74 5.55
CA LEU A 2 23.09 -9.69 4.61
C LEU A 2 24.19 -10.11 3.65
N THR A 3 23.81 -10.88 2.63
CA THR A 3 24.74 -11.30 1.58
C THR A 3 24.92 -10.17 0.57
N PRO A 4 25.74 -10.39 -0.47
CA PRO A 4 25.93 -9.28 -1.43
C PRO A 4 24.76 -9.13 -2.40
N ASP A 5 24.02 -10.21 -2.62
CA ASP A 5 22.80 -10.14 -3.43
C ASP A 5 21.72 -9.38 -2.68
N GLN A 6 21.79 -9.44 -1.35
CA GLN A 6 20.75 -8.87 -0.50
C GLN A 6 20.99 -7.41 -0.14
N GLN A 7 22.24 -7.07 0.20
CA GLN A 7 22.59 -5.70 0.52
C GLN A 7 22.32 -4.77 -0.65
N THR A 8 22.48 -5.30 -1.86
CA THR A 8 22.24 -4.53 -3.08
C THR A 8 20.76 -4.53 -3.44
N LEU A 9 20.07 -5.64 -3.12
CA LEU A 9 18.65 -5.75 -3.36
C LEU A 9 17.92 -4.71 -2.52
N LEU A 10 18.25 -4.68 -1.23
CA LEU A 10 17.65 -3.76 -0.27
C LEU A 10 17.84 -2.30 -0.66
N HIS A 11 19.07 -1.93 -1.00
CA HIS A 11 19.38 -0.55 -1.36
C HIS A 11 18.62 -0.09 -2.60
N PHE A 12 18.34 -1.01 -3.51
CA PHE A 12 17.55 -0.67 -4.69
C PHE A 12 16.12 -0.39 -4.28
N ILE A 13 15.63 -1.16 -3.31
CA ILE A 13 14.26 -1.02 -2.82
C ILE A 13 14.06 0.23 -1.94
N MET A 14 15.05 0.52 -1.10
CA MET A 14 14.99 1.70 -0.24
C MET A 14 15.22 2.96 -1.06
N ASP A 15 16.01 2.84 -2.11
CA ASP A 15 16.24 3.96 -3.02
C ASP A 15 14.93 4.27 -3.76
N SER A 16 14.16 3.22 -4.06
CA SER A 16 12.86 3.40 -4.69
C SER A 16 11.88 3.98 -3.69
N TYR A 17 11.72 3.28 -2.57
CA TYR A 17 10.78 3.67 -1.53
C TYR A 17 10.98 5.12 -1.07
N ASN A 18 12.22 5.59 -1.13
CA ASN A 18 12.53 6.95 -0.69
C ASN A 18 12.38 8.01 -1.77
N LYS A 19 12.22 7.58 -3.01
CA LYS A 19 11.98 8.52 -4.11
C LYS A 19 10.72 9.33 -3.82
N GLN A 20 10.90 10.48 -3.19
CA GLN A 20 9.79 11.34 -2.78
C GLN A 20 8.83 11.57 -3.94
N ARG A 21 7.83 10.70 -4.06
CA ARG A 21 6.93 10.74 -5.20
C ARG A 21 5.67 11.57 -4.96
N MET A 22 5.00 11.37 -3.82
CA MET A 22 3.82 12.17 -3.50
C MET A 22 4.20 13.64 -3.36
N PRO A 23 3.69 14.49 -4.27
CA PRO A 23 4.02 15.92 -4.25
C PRO A 23 3.60 16.58 -2.95
N GLN A 24 4.47 17.43 -2.40
CA GLN A 24 4.16 18.20 -1.21
C GLN A 24 2.93 19.06 -1.46
N GLU A 25 2.93 19.75 -2.60
CA GLU A 25 1.79 20.56 -3.01
C GLU A 25 0.46 19.84 -2.83
N ILE A 26 0.41 18.57 -3.23
CA ILE A 26 -0.80 17.76 -3.10
C ILE A 26 -1.09 17.40 -1.64
N THR A 27 -0.13 16.75 -0.99
CA THR A 27 -0.34 16.27 0.36
C THR A 27 -0.61 17.39 1.36
N ASN A 28 -0.24 18.62 1.00
CA ASN A 28 -0.45 19.78 1.86
C ASN A 28 -1.91 20.11 2.07
N LYS A 29 -2.77 19.60 1.19
CA LYS A 29 -4.20 19.87 1.25
C LYS A 29 -4.83 19.23 2.49
N ILE A 30 -4.25 18.11 2.91
CA ILE A 30 -4.68 17.42 4.12
C ILE A 30 -4.72 18.40 5.27
N LEU A 31 -3.77 19.33 5.27
CA LEU A 31 -3.64 20.30 6.36
C LEU A 31 -4.42 21.58 6.10
N LYS A 32 -4.33 22.11 4.88
CA LYS A 32 -4.75 23.48 4.61
C LYS A 32 -6.21 23.64 4.21
N GLU A 33 -6.83 22.60 3.67
CA GLU A 33 -8.19 22.71 3.18
C GLU A 33 -9.23 22.68 4.29
N GLU A 34 -10.42 23.16 3.96
CA GLU A 34 -11.54 23.12 4.90
C GLU A 34 -11.83 21.69 5.34
N PHE A 35 -12.27 21.53 6.58
CA PHE A 35 -12.68 20.22 7.06
C PHE A 35 -14.20 20.07 7.00
N SER A 36 -14.67 19.16 6.14
CA SER A 36 -16.08 18.81 6.04
C SER A 36 -16.18 17.49 5.29
N ALA A 37 -17.27 16.78 5.48
CA ALA A 37 -17.42 15.43 4.92
C ALA A 37 -17.19 15.39 3.41
N GLU A 38 -17.66 16.41 2.70
CA GLU A 38 -17.49 16.46 1.26
C GLU A 38 -16.03 16.72 0.87
N GLU A 39 -15.42 17.72 1.51
CA GLU A 39 -14.05 18.09 1.22
C GLU A 39 -13.07 17.02 1.74
N ASN A 40 -13.45 16.35 2.82
CA ASN A 40 -12.65 15.26 3.35
C ASN A 40 -12.58 14.12 2.34
N PHE A 41 -13.72 13.79 1.75
CA PHE A 41 -13.78 12.75 0.74
C PHE A 41 -12.98 13.12 -0.51
N LEU A 42 -13.08 14.37 -0.94
CA LEU A 42 -12.36 14.81 -2.14
C LEU A 42 -10.85 14.73 -1.96
N ILE A 43 -10.37 15.18 -0.81
CA ILE A 43 -8.94 15.18 -0.52
C ILE A 43 -8.38 13.77 -0.44
N LEU A 44 -9.14 12.87 0.18
CA LEU A 44 -8.71 11.48 0.29
C LEU A 44 -8.66 10.79 -1.08
N THR A 45 -9.58 11.17 -1.96
CA THR A 45 -9.63 10.64 -3.32
C THR A 45 -8.41 11.10 -4.10
N GLU A 46 -8.05 12.36 -3.95
CA GLU A 46 -6.85 12.89 -4.59
C GLU A 46 -5.57 12.23 -4.07
N MET A 47 -5.51 11.93 -2.77
CA MET A 47 -4.34 11.24 -2.24
C MET A 47 -4.24 9.85 -2.84
N ALA A 48 -5.35 9.10 -2.79
CA ALA A 48 -5.36 7.74 -3.30
C ALA A 48 -5.01 7.65 -4.79
N THR A 49 -5.58 8.52 -5.61
CA THR A 49 -5.31 8.47 -7.04
C THR A 49 -3.87 8.85 -7.34
N ASN A 50 -3.32 9.79 -6.59
CA ASN A 50 -1.90 10.12 -6.71
C ASN A 50 -1.04 8.96 -6.22
N HIS A 51 -1.44 8.35 -5.12
CA HIS A 51 -0.67 7.25 -4.53
C HIS A 51 -0.58 6.06 -5.47
N VAL A 52 -1.66 5.78 -6.20
CA VAL A 52 -1.68 4.69 -7.17
C VAL A 52 -0.55 4.85 -8.17
N GLN A 53 -0.34 6.10 -8.61
CA GLN A 53 0.72 6.39 -9.55
C GLN A 53 2.07 6.14 -8.90
N VAL A 54 2.22 6.62 -7.67
CA VAL A 54 3.44 6.42 -6.91
C VAL A 54 3.72 4.93 -6.76
N LEU A 55 2.66 4.15 -6.64
CA LEU A 55 2.78 2.71 -6.47
C LEU A 55 3.27 2.05 -7.75
N VAL A 56 2.70 2.47 -8.86
CA VAL A 56 3.09 1.95 -10.17
C VAL A 56 4.58 2.20 -10.44
N GLU A 57 5.04 3.40 -10.12
CA GLU A 57 6.44 3.76 -10.30
C GLU A 57 7.37 2.98 -9.37
N PHE A 58 6.92 2.76 -8.13
CA PHE A 58 7.70 1.98 -7.18
C PHE A 58 7.70 0.50 -7.58
N THR A 59 6.56 0.03 -8.06
CA THR A 59 6.41 -1.36 -8.49
C THR A 59 7.34 -1.64 -9.66
N LYS A 60 7.30 -0.76 -10.65
CA LYS A 60 8.14 -0.87 -11.84
C LYS A 60 9.61 -1.10 -11.47
N LYS A 61 10.08 -0.35 -10.49
CA LYS A 61 11.48 -0.41 -10.08
C LYS A 61 11.78 -1.62 -9.19
N LEU A 62 10.79 -2.47 -8.96
CA LEU A 62 11.01 -3.73 -8.26
C LEU A 62 11.76 -4.70 -9.17
N PRO A 63 12.80 -5.35 -8.63
CA PRO A 63 13.64 -6.28 -9.40
C PRO A 63 12.84 -7.33 -10.15
N GLY A 64 13.01 -7.36 -11.47
CA GLY A 64 12.39 -8.38 -12.31
C GLY A 64 10.89 -8.27 -12.42
N PHE A 65 10.35 -7.09 -12.09
CA PHE A 65 8.91 -6.88 -12.23
C PHE A 65 8.49 -6.74 -13.69
N GLN A 66 9.32 -6.03 -14.46
CA GLN A 66 9.01 -5.76 -15.87
C GLN A 66 9.22 -6.98 -16.75
N THR A 67 9.83 -8.02 -16.19
CA THR A 67 10.07 -9.26 -16.92
C THR A 67 8.89 -10.22 -16.76
N LEU A 68 7.75 -9.70 -16.31
CA LEU A 68 6.56 -10.51 -16.08
C LEU A 68 5.55 -10.36 -17.21
N ASP A 69 4.62 -11.31 -17.29
CA ASP A 69 3.52 -11.25 -18.25
C ASP A 69 2.69 -9.99 -18.03
N HIS A 70 2.29 -9.33 -19.11
CA HIS A 70 1.56 -8.07 -19.03
C HIS A 70 0.21 -8.22 -18.33
N GLU A 71 -0.49 -9.31 -18.61
CA GLU A 71 -1.79 -9.55 -17.99
C GLU A 71 -1.67 -9.83 -16.50
N ASP A 72 -0.54 -10.41 -16.10
CA ASP A 72 -0.28 -10.68 -14.69
C ASP A 72 0.19 -9.43 -13.95
N GLN A 73 0.82 -8.52 -14.68
CA GLN A 73 1.30 -7.27 -14.10
C GLN A 73 0.13 -6.44 -13.57
N ILE A 74 -1.00 -6.52 -14.28
CA ILE A 74 -2.19 -5.77 -13.92
C ILE A 74 -2.91 -6.41 -12.75
N ALA A 75 -3.04 -7.74 -12.78
CA ALA A 75 -3.73 -8.47 -11.73
C ALA A 75 -3.05 -8.28 -10.38
N LEU A 76 -1.74 -8.06 -10.40
CA LEU A 76 -0.98 -7.79 -9.19
C LEU A 76 -1.24 -6.37 -8.66
N LEU A 77 -1.30 -5.42 -9.57
CA LEU A 77 -1.58 -4.02 -9.23
C LEU A 77 -2.99 -3.87 -8.66
N LYS A 78 -3.99 -4.35 -9.38
CA LYS A 78 -5.36 -4.28 -8.91
C LYS A 78 -5.52 -5.05 -7.59
N GLY A 79 -4.71 -6.09 -7.42
CA GLY A 79 -4.81 -6.95 -6.25
C GLY A 79 -4.19 -6.39 -4.98
N SER A 80 -3.19 -5.53 -5.13
CA SER A 80 -2.40 -5.06 -4.00
C SER A 80 -2.64 -3.60 -3.68
N ALA A 81 -3.31 -2.90 -4.59
CA ALA A 81 -3.48 -1.45 -4.50
C ALA A 81 -3.96 -1.00 -3.12
N VAL A 82 -5.06 -1.57 -2.67
CA VAL A 82 -5.65 -1.23 -1.37
C VAL A 82 -4.70 -1.55 -0.22
N GLU A 83 -4.14 -2.75 -0.24
CA GLU A 83 -3.24 -3.19 0.81
C GLU A 83 -2.00 -2.30 0.91
N ALA A 84 -1.53 -1.82 -0.23
CA ALA A 84 -0.38 -0.92 -0.26
C ALA A 84 -0.72 0.45 0.33
N MET A 85 -1.93 0.93 0.09
CA MET A 85 -2.37 2.20 0.66
C MET A 85 -2.52 2.13 2.17
N PHE A 86 -3.05 1.00 2.65
CA PHE A 86 -3.18 0.80 4.09
C PHE A 86 -1.82 0.75 4.76
N LEU A 87 -0.83 0.22 4.05
CA LEU A 87 0.53 0.17 4.59
C LEU A 87 1.13 1.56 4.69
N ARG A 88 0.99 2.33 3.63
CA ARG A 88 1.54 3.68 3.60
C ARG A 88 0.83 4.60 4.58
N SER A 89 -0.50 4.55 4.61
CA SER A 89 -1.25 5.32 5.59
C SER A 89 -0.86 4.91 7.02
N ALA A 90 -0.76 3.60 7.26
CA ALA A 90 -0.30 3.07 8.55
C ALA A 90 1.03 3.69 8.95
N GLU A 91 1.99 3.67 8.03
CA GLU A 91 3.27 4.31 8.27
C GLU A 91 3.10 5.77 8.67
N ILE A 92 2.26 6.50 7.95
CA ILE A 92 1.95 7.89 8.30
C ILE A 92 1.57 7.97 9.78
N PHE A 93 0.53 7.24 10.16
CA PHE A 93 0.00 7.31 11.53
C PHE A 93 0.99 6.80 12.58
N ASN A 94 1.76 5.78 12.23
CA ASN A 94 2.68 5.19 13.19
C ASN A 94 3.99 5.96 13.30
N LYS A 95 4.50 6.40 12.16
CA LYS A 95 5.80 7.08 12.14
C LYS A 95 5.66 8.60 12.22
N LYS A 96 4.42 9.07 12.12
CA LYS A 96 4.15 10.50 12.16
C LYS A 96 4.96 11.22 11.08
N LEU A 97 4.96 10.66 9.88
CA LEU A 97 5.66 11.27 8.75
C LEU A 97 5.13 12.67 8.48
N PRO A 98 6.01 13.69 8.51
CA PRO A 98 5.58 15.08 8.29
C PRO A 98 4.65 15.24 7.09
N SER A 99 5.05 14.70 5.94
CA SER A 99 4.26 14.78 4.71
C SER A 99 2.83 14.29 4.87
N GLY A 100 2.59 13.45 5.86
CA GLY A 100 1.29 12.82 6.04
C GLY A 100 0.30 13.60 6.89
N HIS A 101 0.82 14.44 7.79
CA HIS A 101 -0.03 15.25 8.66
C HIS A 101 -1.01 14.38 9.44
N SER A 102 -0.46 13.37 10.10
CA SER A 102 -1.19 12.31 10.77
C SER A 102 -2.57 12.68 11.33
N ASP A 103 -2.59 13.52 12.36
CA ASP A 103 -3.81 13.89 13.08
C ASP A 103 -4.92 14.47 12.21
N LEU A 104 -4.54 15.23 11.20
CA LEU A 104 -5.54 15.85 10.32
C LEU A 104 -5.98 14.86 9.23
N LEU A 105 -5.06 13.98 8.83
CA LEU A 105 -5.40 12.88 7.94
C LEU A 105 -6.44 11.99 8.62
N GLU A 106 -6.24 11.77 9.92
CA GLU A 106 -7.18 10.98 10.71
C GLU A 106 -8.55 11.65 10.83
N GLU A 107 -8.55 12.96 11.04
CA GLU A 107 -9.79 13.74 11.05
C GLU A 107 -10.58 13.52 9.76
N ARG A 108 -9.89 13.59 8.63
CA ARG A 108 -10.53 13.49 7.33
C ARG A 108 -11.10 12.11 7.05
N ILE A 109 -10.34 11.08 7.39
CA ILE A 109 -10.79 9.70 7.24
C ILE A 109 -12.01 9.42 8.14
N ARG A 110 -11.98 9.94 9.36
CA ARG A 110 -13.06 9.74 10.33
C ARG A 110 -14.32 10.54 9.99
N ASN A 111 -14.25 11.38 8.97
CA ASN A 111 -15.43 12.11 8.53
C ASN A 111 -15.46 12.27 7.02
N SER A 112 -15.57 11.13 6.33
CA SER A 112 -15.59 11.10 4.86
C SER A 112 -16.69 10.18 4.36
N GLY A 113 -17.59 9.77 5.26
CA GLY A 113 -18.70 8.92 4.90
C GLY A 113 -18.40 7.43 5.07
N ILE A 114 -17.44 7.12 5.93
CA ILE A 114 -17.09 5.73 6.20
C ILE A 114 -17.81 5.24 7.47
N SER A 115 -18.57 4.17 7.32
CA SER A 115 -19.30 3.57 8.43
C SER A 115 -18.38 3.21 9.60
N ASP A 116 -18.85 3.45 10.82
CA ASP A 116 -18.12 3.04 12.02
C ASP A 116 -17.70 1.58 11.95
N GLU A 117 -18.52 0.77 11.28
CA GLU A 117 -18.25 -0.64 11.08
C GLU A 117 -16.84 -0.88 10.53
N TYR A 118 -16.34 0.07 9.75
CA TYR A 118 -15.02 -0.04 9.12
C TYR A 118 -13.97 0.83 9.79
N ILE A 119 -14.40 1.96 10.32
CA ILE A 119 -13.53 2.87 11.04
C ILE A 119 -12.86 2.18 12.23
N THR A 120 -13.67 1.51 13.04
CA THR A 120 -13.18 0.81 14.22
C THR A 120 -12.06 -0.20 13.88
N PRO A 121 -12.32 -1.12 12.94
CA PRO A 121 -11.29 -2.09 12.55
C PRO A 121 -10.08 -1.42 11.94
N MET A 122 -10.33 -0.45 11.06
CA MET A 122 -9.27 0.25 10.35
C MET A 122 -8.20 0.79 11.29
N PHE A 123 -8.63 1.52 12.31
CA PHE A 123 -7.69 2.15 13.21
C PHE A 123 -7.13 1.20 14.26
N SER A 124 -7.90 0.16 14.57
CA SER A 124 -7.36 -0.94 15.37
C SER A 124 -6.12 -1.50 14.69
N PHE A 125 -6.24 -1.79 13.40
CA PHE A 125 -5.10 -2.27 12.62
C PHE A 125 -3.93 -1.29 12.76
N TYR A 126 -4.17 -0.02 12.47
CA TYR A 126 -3.15 1.02 12.57
C TYR A 126 -2.39 1.00 13.89
N LYS A 127 -3.13 0.84 14.98
CA LYS A 127 -2.53 0.82 16.32
C LYS A 127 -1.64 -0.40 16.52
N SER A 128 -2.13 -1.59 16.13
CA SER A 128 -1.38 -2.82 16.32
C SER A 128 -0.13 -2.84 15.46
N ILE A 129 -0.24 -2.40 14.21
CA ILE A 129 0.92 -2.36 13.34
C ILE A 129 1.97 -1.38 13.84
N GLY A 130 1.52 -0.27 14.42
CA GLY A 130 2.42 0.68 15.05
C GLY A 130 3.15 0.05 16.22
N GLU A 131 2.42 -0.75 17.00
CA GLU A 131 3.01 -1.40 18.15
C GLU A 131 4.10 -2.41 17.74
N LEU A 132 4.20 -2.68 16.45
CA LEU A 132 5.32 -3.48 15.93
C LEU A 132 6.59 -2.66 15.88
N LYS A 133 6.45 -1.34 15.91
CA LYS A 133 7.60 -0.46 15.86
C LYS A 133 8.52 -0.87 14.71
N MET A 134 7.94 -0.99 13.52
CA MET A 134 8.69 -1.32 12.32
C MET A 134 9.60 -0.19 11.88
N THR A 135 10.62 -0.55 11.10
CA THR A 135 11.56 0.41 10.52
C THR A 135 11.09 0.73 9.10
N GLN A 136 11.61 1.82 8.53
CA GLN A 136 11.27 2.17 7.16
C GLN A 136 11.63 1.02 6.22
N GLU A 137 12.72 0.32 6.54
CA GLU A 137 13.14 -0.85 5.79
C GLU A 137 12.03 -1.90 5.75
N GLU A 138 11.43 -2.15 6.90
CA GLU A 138 10.36 -3.13 7.03
C GLU A 138 9.14 -2.67 6.25
N TYR A 139 8.73 -1.43 6.47
CA TYR A 139 7.60 -0.86 5.75
C TYR A 139 7.77 -1.06 4.25
N ALA A 140 8.98 -0.81 3.77
CA ALA A 140 9.27 -0.91 2.33
C ALA A 140 9.20 -2.36 1.83
N LEU A 141 9.79 -3.27 2.61
CA LEU A 141 9.81 -4.68 2.22
C LEU A 141 8.43 -5.31 2.25
N LEU A 142 7.65 -5.00 3.28
CA LEU A 142 6.27 -5.48 3.39
C LEU A 142 5.44 -5.05 2.19
N THR A 143 5.60 -3.78 1.79
CA THR A 143 4.88 -3.27 0.63
C THR A 143 5.27 -4.04 -0.61
N ALA A 144 6.56 -4.29 -0.77
CA ALA A 144 7.06 -5.01 -1.94
C ALA A 144 6.55 -6.45 -1.97
N ILE A 145 6.47 -7.05 -0.79
CA ILE A 145 5.99 -8.42 -0.65
C ILE A 145 4.50 -8.51 -1.00
N VAL A 146 3.73 -7.57 -0.48
CA VAL A 146 2.29 -7.51 -0.73
C VAL A 146 1.98 -7.31 -2.22
N ILE A 147 2.75 -6.44 -2.88
CA ILE A 147 2.54 -6.18 -4.29
C ILE A 147 2.78 -7.45 -5.09
N LEU A 148 3.86 -8.14 -4.76
CA LEU A 148 4.23 -9.37 -5.46
C LEU A 148 3.61 -10.59 -4.79
N SER A 149 2.28 -10.59 -4.66
CA SER A 149 1.57 -11.73 -4.07
C SER A 149 1.00 -12.67 -5.14
N PRO A 150 1.40 -13.95 -5.09
CA PRO A 150 0.90 -14.98 -6.01
C PRO A 150 -0.50 -15.49 -5.66
N ASP A 151 -1.05 -15.02 -4.54
CA ASP A 151 -2.40 -15.41 -4.14
C ASP A 151 -3.46 -14.67 -4.97
N ARG A 152 -3.08 -13.51 -5.49
CA ARG A 152 -4.01 -12.65 -6.22
C ARG A 152 -4.90 -13.42 -7.19
N GLN A 153 -6.17 -13.05 -7.22
CA GLN A 153 -7.14 -13.70 -8.10
C GLN A 153 -6.86 -13.38 -9.56
N TYR A 154 -7.21 -14.32 -10.45
CA TYR A 154 -7.06 -14.15 -11.89
C TYR A 154 -5.61 -14.28 -12.39
N ILE A 155 -4.70 -14.60 -11.48
CA ILE A 155 -3.29 -14.76 -11.85
C ILE A 155 -3.06 -16.02 -12.69
N LYS A 156 -2.19 -15.92 -13.68
CA LYS A 156 -1.89 -17.04 -14.58
C LYS A 156 -0.65 -17.81 -14.15
N ASP A 157 0.52 -17.18 -14.31
CA ASP A 157 1.78 -17.82 -13.95
C ASP A 157 2.22 -17.45 -12.53
N ARG A 158 1.59 -18.07 -11.55
CA ARG A 158 1.81 -17.74 -10.14
C ARG A 158 3.25 -17.94 -9.68
N GLU A 159 3.87 -19.03 -10.11
CA GLU A 159 5.22 -19.40 -9.66
C GLU A 159 6.27 -18.33 -9.97
N ALA A 160 6.07 -17.61 -11.06
CA ALA A 160 7.02 -16.57 -11.49
C ALA A 160 7.04 -15.38 -10.54
N VAL A 161 5.88 -15.08 -9.94
CA VAL A 161 5.79 -14.03 -8.93
C VAL A 161 6.46 -14.53 -7.66
N GLU A 162 6.14 -15.76 -7.28
CA GLU A 162 6.74 -16.39 -6.11
C GLU A 162 8.27 -16.32 -6.20
N LYS A 163 8.78 -16.34 -7.42
CA LYS A 163 10.21 -16.29 -7.67
C LYS A 163 10.79 -14.90 -7.37
N LEU A 164 9.95 -13.88 -7.50
CA LEU A 164 10.37 -12.50 -7.24
C LEU A 164 10.09 -12.11 -5.80
N GLN A 165 9.17 -12.83 -5.16
CA GLN A 165 8.76 -12.52 -3.79
C GLN A 165 9.64 -13.21 -2.75
N GLU A 166 9.95 -14.48 -2.99
CA GLU A 166 10.75 -15.28 -2.05
C GLU A 166 12.02 -14.54 -1.59
N PRO A 167 12.82 -14.04 -2.54
CA PRO A 167 14.03 -13.30 -2.17
C PRO A 167 13.73 -12.17 -1.20
N LEU A 168 12.63 -11.45 -1.43
CA LEU A 168 12.24 -10.33 -0.58
C LEU A 168 11.80 -10.80 0.81
N LEU A 169 11.10 -11.92 0.85
CA LEU A 169 10.68 -12.53 2.12
C LEU A 169 11.88 -12.90 2.97
N ASP A 170 12.92 -13.44 2.32
CA ASP A 170 14.11 -13.88 3.03
C ASP A 170 14.85 -12.69 3.64
N VAL A 171 15.06 -11.65 2.85
CA VAL A 171 15.73 -10.44 3.32
C VAL A 171 15.01 -9.87 4.53
N LEU A 172 13.68 -9.93 4.52
CA LEU A 172 12.88 -9.43 5.63
C LEU A 172 13.12 -10.26 6.89
N GLN A 173 13.17 -11.57 6.73
CA GLN A 173 13.44 -12.46 7.86
C GLN A 173 14.84 -12.18 8.40
N LYS A 174 15.77 -11.92 7.48
CA LYS A 174 17.14 -11.58 7.86
C LYS A 174 17.15 -10.31 8.73
N LEU A 175 16.30 -9.36 8.39
CA LEU A 175 16.20 -8.12 9.17
C LEU A 175 15.40 -8.31 10.45
N CYS A 176 14.78 -9.48 10.58
CA CYS A 176 14.02 -9.80 11.78
C CYS A 176 14.86 -10.60 12.77
N LYS A 177 15.52 -11.65 12.26
CA LYS A 177 16.35 -12.51 13.10
C LYS A 177 17.64 -11.80 13.54
N ILE A 178 18.11 -10.88 12.70
CA ILE A 178 19.36 -10.17 12.98
C ILE A 178 19.14 -8.94 13.86
N HIS A 179 18.33 -8.01 13.38
CA HIS A 179 18.08 -6.76 14.10
C HIS A 179 17.14 -6.99 15.29
N GLN A 180 16.47 -8.12 15.31
CA GLN A 180 15.57 -8.45 16.40
C GLN A 180 15.79 -9.87 16.94
N PRO A 181 16.98 -10.12 17.52
CA PRO A 181 17.25 -11.41 18.16
C PRO A 181 16.42 -11.54 19.43
N GLU A 182 16.03 -10.40 19.98
CA GLU A 182 15.20 -10.35 21.19
C GLU A 182 14.01 -11.27 21.05
N ASN A 183 13.28 -11.11 19.96
CA ASN A 183 12.11 -11.93 19.68
C ASN A 183 12.07 -12.36 18.21
N PRO A 184 12.41 -13.63 17.94
CA PRO A 184 12.46 -14.18 16.58
C PRO A 184 11.06 -14.32 15.98
N GLN A 185 10.03 -14.25 16.82
CA GLN A 185 8.66 -14.35 16.35
C GLN A 185 8.23 -13.05 15.66
N HIS A 186 9.16 -12.11 15.56
CA HIS A 186 8.88 -10.82 14.93
C HIS A 186 8.48 -10.97 13.47
N PHE A 187 9.15 -11.88 12.76
CA PHE A 187 8.84 -12.13 11.36
C PHE A 187 7.44 -12.71 11.22
N ALA A 188 7.08 -13.58 12.14
CA ALA A 188 5.76 -14.20 12.15
C ALA A 188 4.68 -13.17 12.47
N CYS A 189 5.00 -12.20 13.32
CA CYS A 189 4.09 -11.09 13.61
C CYS A 189 3.76 -10.36 12.32
N LEU A 190 4.79 -9.92 11.60
CA LEU A 190 4.61 -9.23 10.33
C LEU A 190 3.66 -9.98 9.42
N LEU A 191 3.95 -11.26 9.17
CA LEU A 191 3.10 -12.09 8.33
C LEU A 191 1.67 -12.15 8.85
N GLY A 192 1.52 -12.18 10.17
CA GLY A 192 0.21 -12.15 10.79
C GLY A 192 -0.59 -10.93 10.36
N ARG A 193 0.07 -9.78 10.40
CA ARG A 193 -0.58 -8.54 9.99
C ARG A 193 -1.01 -8.57 8.53
N LEU A 194 -0.28 -9.31 7.69
CA LEU A 194 -0.61 -9.41 6.27
C LEU A 194 -1.98 -10.02 6.07
N THR A 195 -2.27 -11.07 6.83
CA THR A 195 -3.58 -11.67 6.81
C THR A 195 -4.60 -10.61 7.21
N GLU A 196 -4.29 -9.85 8.25
CA GLU A 196 -5.17 -8.79 8.75
C GLU A 196 -5.40 -7.72 7.68
N LEU A 197 -4.33 -7.39 6.95
CA LEU A 197 -4.42 -6.47 5.82
C LEU A 197 -5.43 -6.96 4.80
N ARG A 198 -5.41 -8.25 4.52
CA ARG A 198 -6.27 -8.83 3.50
C ARG A 198 -7.75 -8.61 3.80
N THR A 199 -8.08 -8.61 5.08
CA THR A 199 -9.46 -8.42 5.52
C THR A 199 -10.05 -7.11 5.03
N PHE A 200 -9.18 -6.12 4.83
CA PHE A 200 -9.63 -4.79 4.45
C PHE A 200 -10.07 -4.67 3.00
N ASN A 201 -9.70 -5.65 2.18
CA ASN A 201 -10.19 -5.70 0.80
C ASN A 201 -11.71 -5.75 0.74
N HIS A 202 -12.31 -6.56 1.61
CA HIS A 202 -13.76 -6.67 1.66
C HIS A 202 -14.37 -5.39 2.20
N HIS A 203 -13.79 -4.89 3.28
CA HIS A 203 -14.23 -3.64 3.88
C HIS A 203 -14.24 -2.54 2.84
N HIS A 204 -13.17 -2.49 2.03
CA HIS A 204 -13.03 -1.45 1.04
C HIS A 204 -14.07 -1.53 -0.07
N ALA A 205 -14.43 -2.76 -0.46
CA ALA A 205 -15.47 -2.94 -1.48
C ALA A 205 -16.82 -2.40 -1.01
N GLU A 206 -17.10 -2.57 0.27
CA GLU A 206 -18.33 -2.07 0.87
C GLU A 206 -18.29 -0.56 1.07
N MET A 207 -17.10 -0.04 1.40
CA MET A 207 -16.95 1.41 1.53
C MET A 207 -17.23 2.07 0.18
N LEU A 208 -16.73 1.45 -0.89
CA LEU A 208 -16.95 1.95 -2.24
C LEU A 208 -18.44 1.90 -2.61
N MET A 209 -19.11 0.81 -2.25
CA MET A 209 -20.55 0.69 -2.46
C MET A 209 -21.31 1.87 -1.84
N SER A 210 -21.02 2.13 -0.57
CA SER A 210 -21.69 3.19 0.17
C SER A 210 -21.44 4.56 -0.43
N TRP A 211 -20.18 4.85 -0.73
CA TRP A 211 -19.82 6.11 -1.36
C TRP A 211 -20.59 6.26 -2.68
N ARG A 212 -20.54 5.22 -3.50
CA ARG A 212 -21.19 5.23 -4.80
C ARG A 212 -22.68 5.55 -4.70
N VAL A 213 -23.40 4.84 -3.84
CA VAL A 213 -24.84 5.05 -3.69
C VAL A 213 -25.16 6.43 -3.11
N ASN A 214 -24.15 7.08 -2.52
CA ASN A 214 -24.31 8.45 -2.04
C ASN A 214 -23.70 9.48 -2.99
N ASP A 215 -23.66 9.13 -4.27
CA ASP A 215 -23.22 10.04 -5.33
C ASP A 215 -21.81 10.59 -5.14
N HIS A 216 -20.90 9.74 -4.69
CA HIS A 216 -19.49 10.11 -4.67
C HIS A 216 -18.82 9.56 -5.92
N LYS A 217 -17.95 10.36 -6.52
CA LYS A 217 -17.24 9.94 -7.71
C LYS A 217 -15.77 9.77 -7.40
N PHE A 218 -15.14 8.82 -8.08
CA PHE A 218 -13.70 8.63 -7.97
C PHE A 218 -13.06 9.04 -9.29
N THR A 219 -11.76 8.83 -9.42
CA THR A 219 -11.04 9.21 -10.62
C THR A 219 -11.03 8.04 -11.59
N PRO A 220 -10.84 8.33 -12.89
CA PRO A 220 -10.71 7.29 -13.91
C PRO A 220 -9.72 6.23 -13.48
N LEU A 221 -8.59 6.67 -12.95
CA LEU A 221 -7.53 5.76 -12.52
C LEU A 221 -8.00 4.80 -11.43
N LEU A 222 -8.65 5.33 -10.40
CA LEU A 222 -9.17 4.49 -9.30
C LEU A 222 -10.34 3.62 -9.75
N CYS A 223 -11.18 4.15 -10.63
CA CYS A 223 -12.29 3.37 -11.19
C CYS A 223 -11.75 2.13 -11.88
N GLU A 224 -10.62 2.29 -12.54
CA GLU A 224 -10.03 1.18 -13.29
C GLU A 224 -9.38 0.14 -12.37
N ILE A 225 -8.51 0.60 -11.48
CA ILE A 225 -7.76 -0.32 -10.63
C ILE A 225 -8.66 -0.99 -9.59
N TRP A 226 -9.79 -0.36 -9.31
CA TRP A 226 -10.74 -0.89 -8.32
C TRP A 226 -11.98 -1.49 -8.97
N ASP A 227 -12.06 -1.38 -10.30
CA ASP A 227 -13.21 -1.91 -11.04
C ASP A 227 -14.52 -1.26 -10.63
N VAL A 228 -14.47 0.04 -10.34
CA VAL A 228 -15.69 0.79 -10.06
C VAL A 228 -16.50 0.86 -11.35
N GLN A 229 -17.42 -0.08 -11.52
CA GLN A 229 -18.22 -0.20 -12.74
C GLN A 229 -19.47 0.68 -12.65
N ASP B 1 -8.86 -3.81 -22.28
CA ASP B 1 -9.34 -3.16 -21.06
C ASP B 1 -8.20 -2.86 -20.09
N HIS B 2 -8.48 -2.06 -19.07
CA HIS B 2 -7.46 -1.62 -18.13
C HIS B 2 -6.32 -0.89 -18.84
N GLN B 3 -6.68 0.11 -19.63
CA GLN B 3 -5.72 0.84 -20.45
C GLN B 3 -4.89 1.84 -19.66
N LEU B 4 -5.50 2.50 -18.68
CA LEU B 4 -4.78 3.50 -17.88
C LEU B 4 -3.57 2.90 -17.18
N LEU B 5 -3.73 1.71 -16.63
CA LEU B 5 -2.64 1.04 -15.94
C LEU B 5 -1.52 0.62 -16.91
N ARG B 6 -1.90 0.07 -18.05
CA ARG B 6 -0.92 -0.28 -19.08
C ARG B 6 -0.17 0.96 -19.56
N TYR B 7 -0.83 2.11 -19.51
CA TYR B 7 -0.22 3.37 -19.93
C TYR B 7 0.81 3.84 -18.91
N LEU B 8 0.55 3.59 -17.63
CA LEU B 8 1.46 3.99 -16.57
C LEU B 8 2.65 3.05 -16.49
N LEU B 9 2.40 1.76 -16.73
CA LEU B 9 3.46 0.77 -16.73
C LEU B 9 4.45 1.04 -17.86
N ASP B 10 3.92 1.46 -19.01
CA ASP B 10 4.76 1.71 -20.19
C ASP B 10 5.32 3.12 -20.20
N LYS B 11 4.99 3.91 -19.18
CA LYS B 11 5.48 5.28 -19.06
C LYS B 11 6.85 5.33 -18.39
#